data_2ZPU
#
_entry.id   2ZPU
#
_cell.length_a   59.740
_cell.length_b   72.990
_cell.length_c   65.070
_cell.angle_alpha   90.00
_cell.angle_beta   102.41
_cell.angle_gamma   90.00
#
_symmetry.space_group_name_H-M   'C 1 2 1'
#
loop_
_entity.id
_entity.type
_entity.pdbx_description
1 polymer 'Uncharacterized protein C320.14'
2 non-polymer 'MAGNESIUM ION'
3 non-polymer "N-(5'-PHOSPHOPYRIDOXYL)-D-ALANINE"
4 water water
#
_entity_poly.entity_id   1
_entity_poly.type   'polypeptide(L)'
_entity_poly.pdbx_seq_one_letter_code
;MSDNLVLPTYDDVASASERIKKFANKTPVLTSSTVNKEFVAEVFFKCENFQKMGAFKFRGALNALSQLNEAQRKAGVLTF
SSGNHAQAIALSAKILGIPAKIIMPLDAPEAKVAATKGYGGQVIMYDRYKDDREKMAKEISEREGLTIIPPYDHPHVLAG
QGTAAKELFEEVGPLDALFVCLGGGGLLSGSALAARHFAPNCEVYGVEPEAGNDGQQSFRKGSIVHIDTPKTIADGAQTQ
HLGNYTFSIIKEKVDDILTVSDEELIDCLKFYAARMKIVVEPTGCLSFAAARAMKEKLKNKRIGIIISGGNVDIERYAHF
LSQ
;
_entity_poly.pdbx_strand_id   A
#
# COMPACT_ATOMS: atom_id res chain seq x y z
N LEU A 5 7.02 -11.34 18.59
CA LEU A 5 6.36 -10.06 18.19
C LEU A 5 4.90 -10.03 18.60
N VAL A 6 4.48 -8.90 19.17
CA VAL A 6 3.10 -8.72 19.60
C VAL A 6 2.33 -8.16 18.40
N LEU A 7 1.60 -9.02 17.72
CA LEU A 7 0.85 -8.63 16.54
C LEU A 7 -0.41 -7.82 16.79
N PRO A 8 -0.65 -6.79 15.95
CA PRO A 8 -1.84 -5.98 16.12
C PRO A 8 -3.03 -6.82 15.67
N THR A 9 -4.23 -6.44 16.09
CA THR A 9 -5.44 -7.19 15.73
C THR A 9 -6.43 -6.23 15.10
N TYR A 10 -7.64 -6.71 14.78
CA TYR A 10 -8.62 -5.85 14.18
C TYR A 10 -8.94 -4.67 15.10
N ASP A 11 -8.78 -4.87 16.41
CA ASP A 11 -9.03 -3.81 17.38
C ASP A 11 -8.18 -2.60 17.06
N ASP A 12 -6.96 -2.84 16.62
CA ASP A 12 -6.03 -1.77 16.28
C ASP A 12 -6.45 -1.07 14.99
N VAL A 13 -7.11 -1.81 14.10
CA VAL A 13 -7.58 -1.20 12.86
C VAL A 13 -8.76 -0.32 13.21
N ALA A 14 -9.62 -0.81 14.09
CA ALA A 14 -10.80 -0.06 14.54
C ALA A 14 -10.40 1.24 15.22
N SER A 15 -9.38 1.19 16.08
CA SER A 15 -8.93 2.38 16.78
C SER A 15 -8.28 3.35 15.78
N ALA A 16 -7.59 2.80 14.79
CA ALA A 16 -6.94 3.62 13.78
C ALA A 16 -7.98 4.47 13.05
N SER A 17 -9.16 3.89 12.81
CA SER A 17 -10.22 4.63 12.13
C SER A 17 -10.54 5.89 12.91
N GLU A 18 -10.53 5.78 14.23
CA GLU A 18 -10.81 6.91 15.10
C GLU A 18 -9.73 7.98 15.04
N ARG A 19 -8.46 7.56 15.01
CA ARG A 19 -7.36 8.50 14.97
C ARG A 19 -7.21 9.28 13.67
N ILE A 20 -7.65 8.71 12.55
CA ILE A 20 -7.51 9.39 11.27
C ILE A 20 -8.75 10.12 10.79
N LYS A 21 -9.88 9.88 11.46
CA LYS A 21 -11.17 10.48 11.06
C LYS A 21 -11.15 11.99 10.82
N LYS A 22 -10.30 12.69 11.57
CA LYS A 22 -10.18 14.13 11.47
C LYS A 22 -9.61 14.63 10.15
N PHE A 23 -8.67 13.90 9.56
CA PHE A 23 -8.05 14.36 8.32
C PHE A 23 -8.13 13.46 7.08
N ALA A 24 -8.32 12.16 7.26
CA ALA A 24 -8.38 11.24 6.13
C ALA A 24 -9.69 11.30 5.35
N ASN A 25 -9.62 10.93 4.07
CA ASN A 25 -10.77 10.90 3.19
C ASN A 25 -11.47 9.55 3.24
N LYS A 26 -12.79 9.57 3.36
CA LYS A 26 -13.55 8.32 3.32
C LYS A 26 -13.74 8.21 1.81
N THR A 27 -12.75 7.61 1.15
CA THR A 27 -12.75 7.47 -0.31
C THR A 27 -13.95 6.73 -0.85
N PRO A 28 -14.41 7.13 -2.05
CA PRO A 28 -15.57 6.46 -2.65
C PRO A 28 -15.26 5.07 -3.18
N VAL A 29 -16.34 4.33 -3.40
CA VAL A 29 -16.27 2.99 -3.95
C VAL A 29 -16.93 3.11 -5.31
N LEU A 30 -16.23 2.69 -6.35
CA LEU A 30 -16.77 2.75 -7.70
C LEU A 30 -17.09 1.36 -8.21
N THR A 31 -17.98 1.30 -9.19
CA THR A 31 -18.37 0.04 -9.82
C THR A 31 -18.36 0.28 -11.31
N SER A 32 -18.23 -0.79 -12.09
CA SER A 32 -18.19 -0.70 -13.54
C SER A 32 -19.10 -1.74 -14.17
N SER A 33 -20.04 -1.28 -15.00
CA SER A 33 -20.95 -2.19 -15.67
C SER A 33 -20.17 -3.12 -16.58
N THR A 34 -19.14 -2.57 -17.24
CA THR A 34 -18.30 -3.37 -18.13
C THR A 34 -17.64 -4.50 -17.36
N VAL A 35 -17.06 -4.16 -16.21
CA VAL A 35 -16.39 -5.15 -15.37
C VAL A 35 -17.36 -6.22 -14.89
N ASN A 36 -18.50 -5.78 -14.35
CA ASN A 36 -19.49 -6.72 -13.84
C ASN A 36 -19.96 -7.69 -14.92
N LYS A 37 -20.17 -7.19 -16.13
CA LYS A 37 -20.63 -8.03 -17.24
C LYS A 37 -19.57 -9.05 -17.64
N GLU A 38 -18.33 -8.58 -17.75
CA GLU A 38 -17.20 -9.42 -18.14
C GLU A 38 -16.90 -10.50 -17.10
N PHE A 39 -16.96 -10.13 -15.83
CA PHE A 39 -16.69 -11.06 -14.72
C PHE A 39 -17.91 -11.88 -14.33
N VAL A 40 -19.10 -11.43 -14.73
CA VAL A 40 -20.34 -12.10 -14.38
C VAL A 40 -20.37 -12.07 -12.85
N ALA A 41 -20.10 -10.89 -12.30
CA ALA A 41 -20.06 -10.71 -10.86
C ALA A 41 -20.26 -9.24 -10.48
N GLU A 42 -20.14 -8.96 -9.20
CA GLU A 42 -20.26 -7.60 -8.70
C GLU A 42 -18.90 -7.23 -8.13
N VAL A 43 -18.23 -6.29 -8.75
CA VAL A 43 -16.91 -5.88 -8.29
C VAL A 43 -16.97 -4.47 -7.72
N PHE A 44 -16.31 -4.26 -6.60
CA PHE A 44 -16.30 -2.96 -5.95
C PHE A 44 -14.88 -2.45 -5.81
N PHE A 45 -14.64 -1.22 -6.27
CA PHE A 45 -13.30 -0.64 -6.22
C PHE A 45 -13.15 0.43 -5.14
N LYS A 46 -12.28 0.18 -4.18
CA LYS A 46 -12.02 1.15 -3.10
C LYS A 46 -10.92 2.08 -3.64
N CYS A 47 -11.30 3.32 -3.93
CA CYS A 47 -10.37 4.28 -4.52
C CYS A 47 -9.42 5.05 -3.61
N GLU A 48 -8.32 4.41 -3.21
CA GLU A 48 -7.35 5.09 -2.36
C GLU A 48 -6.48 6.05 -3.16
N ASN A 49 -6.68 6.08 -4.48
CA ASN A 49 -5.94 7.01 -5.30
C ASN A 49 -6.57 8.38 -5.04
N PHE A 50 -7.72 8.38 -4.34
CA PHE A 50 -8.42 9.62 -4.00
C PHE A 50 -8.21 9.99 -2.53
N GLN A 51 -7.33 9.25 -1.87
CA GLN A 51 -7.00 9.50 -0.48
C GLN A 51 -6.11 10.73 -0.42
N LYS A 52 -5.96 11.31 0.77
CA LYS A 52 -5.08 12.46 0.90
C LYS A 52 -3.70 11.99 0.41
N MET A 53 -3.02 12.87 -0.33
CA MET A 53 -1.71 12.62 -0.94
C MET A 53 -1.68 11.53 -2.03
N GLY A 54 -2.85 11.12 -2.51
CA GLY A 54 -2.94 10.17 -3.60
C GLY A 54 -2.72 8.68 -3.40
N ALA A 55 -2.62 8.23 -2.17
CA ALA A 55 -2.42 6.80 -1.89
C ALA A 55 -2.92 6.44 -0.50
N PHE A 56 -3.12 5.15 -0.28
CA PHE A 56 -3.62 4.66 1.00
C PHE A 56 -2.70 4.98 2.18
N LYS A 57 -1.42 5.19 1.89
CA LYS A 57 -0.40 5.44 2.92
C LYS A 57 -0.69 6.50 3.96
N PHE A 58 -1.54 7.48 3.64
CA PHE A 58 -1.85 8.53 4.61
C PHE A 58 -2.43 7.91 5.88
N ARG A 59 -3.18 6.82 5.72
CA ARG A 59 -3.82 6.13 6.85
C ARG A 59 -2.82 5.63 7.88
N GLY A 60 -1.85 4.84 7.44
CA GLY A 60 -0.85 4.31 8.35
C GLY A 60 0.04 5.38 8.95
N ALA A 61 0.40 6.37 8.15
CA ALA A 61 1.26 7.46 8.60
C ALA A 61 0.61 8.26 9.73
N LEU A 62 -0.63 8.70 9.50
CA LEU A 62 -1.33 9.47 10.52
C LEU A 62 -1.59 8.65 11.78
N ASN A 63 -1.96 7.39 11.62
CA ASN A 63 -2.22 6.53 12.77
C ASN A 63 -0.98 6.42 13.65
N ALA A 64 0.18 6.27 13.00
CA ALA A 64 1.43 6.11 13.72
C ALA A 64 1.90 7.41 14.37
N LEU A 65 1.93 8.49 13.61
CA LEU A 65 2.38 9.78 14.14
C LEU A 65 1.47 10.29 15.24
N SER A 66 0.17 10.01 15.12
CA SER A 66 -0.79 10.45 16.13
C SER A 66 -0.56 9.80 17.49
N GLN A 67 0.19 8.70 17.51
CA GLN A 67 0.44 8.00 18.77
C GLN A 67 1.81 8.29 19.36
N LEU A 68 2.48 9.31 18.84
CA LEU A 68 3.77 9.72 19.38
C LEU A 68 3.50 10.76 20.47
N ASN A 69 4.26 10.72 21.56
CA ASN A 69 4.03 11.69 22.63
C ASN A 69 4.68 13.03 22.28
N GLU A 70 4.43 14.04 23.12
CA GLU A 70 4.94 15.38 22.90
C GLU A 70 6.45 15.45 22.62
N ALA A 71 7.24 14.77 23.45
CA ALA A 71 8.68 14.78 23.27
C ALA A 71 9.10 14.16 21.95
N GLN A 72 8.45 13.06 21.58
CA GLN A 72 8.75 12.37 20.34
C GLN A 72 8.41 13.24 19.13
N ARG A 73 7.29 13.96 19.22
CA ARG A 73 6.87 14.83 18.14
C ARG A 73 7.88 15.95 17.92
N LYS A 74 8.34 16.56 19.02
CA LYS A 74 9.30 17.66 18.93
C LYS A 74 10.66 17.18 18.44
N ALA A 75 11.07 15.99 18.87
CA ALA A 75 12.36 15.43 18.48
C ALA A 75 12.42 15.14 16.98
N GLY A 76 11.28 14.77 16.40
CA GLY A 76 11.24 14.50 14.98
C GLY A 76 11.22 13.03 14.58
N VAL A 77 10.79 12.78 13.35
CA VAL A 77 10.71 11.42 12.86
C VAL A 77 11.53 11.21 11.60
N LEU A 78 11.84 9.95 11.31
CA LEU A 78 12.59 9.58 10.13
C LEU A 78 11.94 8.37 9.49
N THR A 79 12.01 8.28 8.17
CA THR A 79 11.46 7.13 7.50
C THR A 79 12.18 6.90 6.18
N PHE A 80 11.93 5.73 5.60
CA PHE A 80 12.50 5.35 4.33
C PHE A 80 11.31 4.86 3.52
N SER A 81 11.22 5.30 2.27
CA SER A 81 10.06 4.96 1.47
C SER A 81 10.27 5.11 -0.03
N SER A 82 9.57 4.29 -0.80
CA SER A 82 9.66 4.34 -2.26
C SER A 82 8.99 5.62 -2.77
N GLY A 83 8.22 6.29 -1.89
CA GLY A 83 7.60 7.52 -2.32
C GLY A 83 6.25 7.88 -1.73
N ASN A 84 5.35 6.92 -1.61
CA ASN A 84 4.04 7.23 -1.06
C ASN A 84 4.03 7.37 0.46
N HIS A 85 4.71 6.47 1.16
CA HIS A 85 4.77 6.58 2.62
C HIS A 85 5.54 7.88 2.91
N ALA A 86 6.49 8.21 2.04
CA ALA A 86 7.28 9.43 2.18
C ALA A 86 6.36 10.65 2.21
N GLN A 87 5.49 10.77 1.22
CA GLN A 87 4.55 11.88 1.14
C GLN A 87 3.56 11.84 2.31
N ALA A 88 3.12 10.64 2.66
CA ALA A 88 2.16 10.44 3.74
C ALA A 88 2.73 10.94 5.07
N ILE A 89 3.99 10.57 5.34
CA ILE A 89 4.64 10.99 6.56
C ILE A 89 4.88 12.50 6.55
N ALA A 90 5.29 13.03 5.40
CA ALA A 90 5.54 14.47 5.28
C ALA A 90 4.27 15.26 5.58
N LEU A 91 3.15 14.82 4.99
CA LEU A 91 1.88 15.51 5.20
C LEU A 91 1.40 15.40 6.64
N SER A 92 1.40 14.17 7.17
CA SER A 92 0.96 13.92 8.54
C SER A 92 1.84 14.71 9.51
N ALA A 93 3.13 14.72 9.24
CA ALA A 93 4.08 15.43 10.09
C ALA A 93 3.80 16.93 10.09
N LYS A 94 3.44 17.48 8.94
CA LYS A 94 3.15 18.91 8.85
C LYS A 94 1.92 19.24 9.68
N ILE A 95 0.90 18.39 9.56
CA ILE A 95 -0.36 18.57 10.29
C ILE A 95 -0.14 18.59 11.80
N LEU A 96 0.77 17.75 12.28
CA LEU A 96 1.06 17.64 13.70
C LEU A 96 2.28 18.45 14.15
N GLY A 97 2.86 19.23 13.23
CA GLY A 97 4.03 20.03 13.57
C GLY A 97 5.25 19.21 13.97
N ILE A 98 5.45 18.08 13.30
CA ILE A 98 6.57 17.19 13.60
C ILE A 98 7.63 17.28 12.49
N PRO A 99 8.89 17.57 12.87
CA PRO A 99 9.91 17.64 11.82
C PRO A 99 10.12 16.23 11.25
N ALA A 100 10.26 16.12 9.94
CA ALA A 100 10.44 14.80 9.32
C ALA A 100 11.55 14.71 8.28
N LYS A 101 12.38 13.68 8.42
CA LYS A 101 13.49 13.41 7.51
C LYS A 101 13.07 12.17 6.73
N ILE A 102 13.21 12.20 5.41
CA ILE A 102 12.79 11.07 4.60
C ILE A 102 13.84 10.59 3.59
N ILE A 103 14.12 9.29 3.62
CA ILE A 103 15.08 8.66 2.73
C ILE A 103 14.30 8.03 1.58
N MET A 104 14.60 8.45 0.35
CA MET A 104 13.88 7.95 -0.83
C MET A 104 14.82 7.45 -1.92
N PRO A 105 14.35 6.50 -2.75
CA PRO A 105 15.22 5.99 -3.82
C PRO A 105 15.43 7.08 -4.88
N LEU A 106 16.64 7.15 -5.43
CA LEU A 106 16.95 8.16 -6.42
C LEU A 106 16.10 8.05 -7.69
N ASP A 107 15.63 6.84 -8.01
CA ASP A 107 14.82 6.68 -9.20
C ASP A 107 13.33 6.66 -8.90
N ALA A 108 12.93 7.28 -7.79
CA ALA A 108 11.52 7.35 -7.43
C ALA A 108 10.85 8.35 -8.37
N PRO A 109 9.54 8.21 -8.59
CA PRO A 109 8.84 9.15 -9.47
C PRO A 109 9.08 10.59 -8.99
N GLU A 110 9.43 11.49 -9.91
CA GLU A 110 9.68 12.89 -9.54
C GLU A 110 8.53 13.50 -8.74
N ALA A 111 7.30 13.16 -9.12
CA ALA A 111 6.11 13.68 -8.46
C ALA A 111 6.07 13.31 -6.99
N LYS A 112 6.54 12.10 -6.65
CA LYS A 112 6.53 11.66 -5.26
C LYS A 112 7.60 12.39 -4.45
N VAL A 113 8.75 12.63 -5.07
CA VAL A 113 9.84 13.33 -4.39
C VAL A 113 9.44 14.80 -4.23
N ALA A 114 8.91 15.39 -5.30
CA ALA A 114 8.50 16.79 -5.26
C ALA A 114 7.45 17.06 -4.18
N ALA A 115 6.44 16.19 -4.11
CA ALA A 115 5.38 16.34 -3.12
C ALA A 115 5.91 16.23 -1.69
N THR A 116 6.83 15.29 -1.47
CA THR A 116 7.41 15.09 -0.15
C THR A 116 8.12 16.37 0.30
N LYS A 117 8.90 16.97 -0.60
CA LYS A 117 9.60 18.20 -0.28
C LYS A 117 8.60 19.33 -0.05
N GLY A 118 7.57 19.37 -0.89
CA GLY A 118 6.55 20.40 -0.77
C GLY A 118 5.83 20.39 0.56
N TYR A 119 5.75 19.21 1.18
CA TYR A 119 5.09 19.05 2.48
C TYR A 119 6.05 19.38 3.63
N GLY A 120 7.29 19.74 3.28
CA GLY A 120 8.27 20.09 4.29
C GLY A 120 9.21 18.99 4.73
N GLY A 121 9.17 17.86 4.02
CA GLY A 121 10.06 16.76 4.38
C GLY A 121 11.47 16.98 3.87
N GLN A 122 12.46 16.67 4.70
CA GLN A 122 13.86 16.81 4.31
C GLN A 122 14.27 15.49 3.69
N VAL A 123 14.51 15.51 2.39
CA VAL A 123 14.85 14.30 1.64
C VAL A 123 16.32 13.97 1.38
N ILE A 124 16.66 12.72 1.65
CA ILE A 124 18.00 12.17 1.41
C ILE A 124 17.72 10.98 0.49
N MET A 125 18.61 10.72 -0.46
CA MET A 125 18.37 9.61 -1.38
C MET A 125 19.30 8.42 -1.25
N TYR A 126 18.86 7.30 -1.84
CA TYR A 126 19.64 6.07 -1.83
C TYR A 126 19.46 5.35 -3.15
N ASP A 127 20.35 4.40 -3.43
CA ASP A 127 20.24 3.62 -4.65
C ASP A 127 19.37 2.43 -4.30
N ARG A 128 18.21 2.35 -4.95
CA ARG A 128 17.23 1.30 -4.70
C ARG A 128 17.75 -0.12 -4.86
N TYR A 129 18.67 -0.32 -5.81
CA TYR A 129 19.18 -1.64 -6.08
C TYR A 129 20.46 -2.04 -5.39
N LYS A 130 21.27 -1.06 -4.98
CA LYS A 130 22.55 -1.37 -4.35
C LYS A 130 22.66 -1.09 -2.86
N ASP A 131 21.92 -0.10 -2.37
CA ASP A 131 22.01 0.27 -0.96
C ASP A 131 21.09 -0.45 0.01
N ASP A 132 21.47 -0.36 1.28
CA ASP A 132 20.70 -0.93 2.38
C ASP A 132 20.07 0.30 3.04
N ARG A 133 18.83 0.62 2.65
CA ARG A 133 18.16 1.78 3.19
C ARG A 133 17.85 1.70 4.69
N GLU A 134 17.65 0.49 5.20
CA GLU A 134 17.37 0.34 6.61
C GLU A 134 18.62 0.58 7.46
N LYS A 135 19.77 0.21 6.91
CA LYS A 135 21.03 0.44 7.61
C LYS A 135 21.20 1.96 7.72
N MET A 136 20.91 2.65 6.62
CA MET A 136 21.01 4.10 6.58
C MET A 136 20.06 4.73 7.60
N ALA A 137 18.83 4.23 7.62
CA ALA A 137 17.80 4.73 8.51
C ALA A 137 18.23 4.61 9.97
N LYS A 138 18.70 3.42 10.35
CA LYS A 138 19.14 3.18 11.71
C LYS A 138 20.23 4.15 12.13
N GLU A 139 21.28 4.26 11.33
CA GLU A 139 22.39 5.16 11.63
C GLU A 139 21.97 6.61 11.78
N ILE A 140 21.27 7.14 10.77
CA ILE A 140 20.83 8.53 10.83
C ILE A 140 19.93 8.75 12.04
N SER A 141 19.03 7.82 12.30
CA SER A 141 18.13 7.95 13.44
C SER A 141 18.86 7.86 14.77
N GLU A 142 19.80 6.93 14.88
CA GLU A 142 20.58 6.74 16.11
C GLU A 142 21.47 7.96 16.35
N ARG A 143 21.99 8.52 15.27
CA ARG A 143 22.87 9.68 15.34
C ARG A 143 22.13 10.99 15.61
N GLU A 144 20.91 11.11 15.11
CA GLU A 144 20.14 12.34 15.29
C GLU A 144 18.98 12.25 16.26
N GLY A 145 18.83 11.09 16.90
CA GLY A 145 17.75 10.92 17.85
C GLY A 145 16.38 11.13 17.24
N LEU A 146 16.11 10.41 16.15
CA LEU A 146 14.84 10.50 15.46
C LEU A 146 14.08 9.19 15.60
N THR A 147 12.76 9.27 15.68
CA THR A 147 11.96 8.06 15.80
C THR A 147 11.65 7.54 14.40
N ILE A 148 12.01 6.28 14.15
CA ILE A 148 11.76 5.68 12.84
C ILE A 148 10.33 5.18 12.73
N ILE A 149 9.65 5.56 11.65
CA ILE A 149 8.30 5.12 11.39
C ILE A 149 8.39 4.36 10.06
N PRO A 150 8.62 3.03 10.13
CA PRO A 150 8.74 2.22 8.91
C PRO A 150 7.53 2.30 7.96
N PRO A 151 7.78 2.11 6.66
CA PRO A 151 6.76 2.16 5.61
C PRO A 151 5.73 1.03 5.64
N TYR A 152 6.05 -0.05 6.37
CA TYR A 152 5.09 -1.16 6.47
C TYR A 152 5.27 -2.07 7.68
N ASP A 153 6.51 -2.37 8.06
CA ASP A 153 6.75 -3.28 9.18
C ASP A 153 6.66 -2.64 10.56
N HIS A 154 5.46 -2.22 10.93
CA HIS A 154 5.19 -1.57 12.20
C HIS A 154 3.71 -1.75 12.50
N PRO A 155 3.35 -2.13 13.73
CA PRO A 155 1.95 -2.35 14.10
C PRO A 155 0.99 -1.19 13.83
N HIS A 156 1.40 0.04 14.15
CA HIS A 156 0.54 1.20 13.93
C HIS A 156 0.35 1.49 12.44
N VAL A 157 1.42 1.34 11.69
CA VAL A 157 1.35 1.61 10.26
C VAL A 157 0.43 0.61 9.55
N LEU A 158 0.69 -0.68 9.73
CA LEU A 158 -0.13 -1.68 9.06
C LEU A 158 -1.59 -1.63 9.52
N ALA A 159 -1.80 -1.37 10.81
CA ALA A 159 -3.17 -1.28 11.35
C ALA A 159 -3.92 -0.18 10.62
N GLY A 160 -3.23 0.94 10.40
CA GLY A 160 -3.85 2.06 9.73
C GLY A 160 -4.22 1.77 8.28
N GLN A 161 -3.35 1.05 7.57
CA GLN A 161 -3.64 0.72 6.17
C GLN A 161 -4.93 -0.09 6.08
N GLY A 162 -5.18 -0.88 7.11
CA GLY A 162 -6.36 -1.73 7.16
C GLY A 162 -7.69 -1.00 7.18
N THR A 163 -7.68 0.28 7.51
CA THR A 163 -8.92 1.04 7.56
C THR A 163 -9.56 1.22 6.19
N ALA A 164 -8.79 1.05 5.12
CA ALA A 164 -9.37 1.17 3.78
C ALA A 164 -10.32 0.00 3.56
N ALA A 165 -9.84 -1.22 3.83
CA ALA A 165 -10.66 -2.41 3.67
C ALA A 165 -11.84 -2.34 4.65
N LYS A 166 -11.58 -1.82 5.85
CA LYS A 166 -12.63 -1.68 6.85
C LYS A 166 -13.79 -0.88 6.26
N GLU A 167 -13.47 0.28 5.71
CA GLU A 167 -14.47 1.15 5.10
C GLU A 167 -15.18 0.46 3.94
N LEU A 168 -14.45 -0.30 3.14
CA LEU A 168 -15.06 -1.01 2.01
C LEU A 168 -16.13 -1.98 2.49
N PHE A 169 -15.78 -2.83 3.46
CA PHE A 169 -16.72 -3.80 4.00
C PHE A 169 -17.93 -3.12 4.66
N GLU A 170 -17.70 -1.98 5.31
CA GLU A 170 -18.78 -1.28 5.98
C GLU A 170 -19.74 -0.67 4.96
N GLU A 171 -19.25 -0.40 3.75
CA GLU A 171 -20.09 0.20 2.72
C GLU A 171 -20.81 -0.81 1.82
N VAL A 172 -20.14 -1.91 1.49
CA VAL A 172 -20.76 -2.90 0.60
C VAL A 172 -20.99 -4.28 1.21
N GLY A 173 -20.60 -4.45 2.47
CA GLY A 173 -20.78 -5.73 3.14
C GLY A 173 -19.65 -6.71 2.88
N PRO A 174 -19.73 -7.93 3.45
CA PRO A 174 -18.68 -8.93 3.24
C PRO A 174 -18.52 -9.23 1.76
N LEU A 175 -17.32 -9.60 1.35
CA LEU A 175 -17.06 -9.90 -0.05
C LEU A 175 -16.40 -11.26 -0.17
N ASP A 176 -16.74 -12.00 -1.22
CA ASP A 176 -16.18 -13.33 -1.44
C ASP A 176 -14.67 -13.32 -1.63
N ALA A 177 -14.15 -12.26 -2.23
CA ALA A 177 -12.72 -12.15 -2.46
C ALA A 177 -12.26 -10.70 -2.44
N LEU A 178 -11.10 -10.47 -1.83
CA LEU A 178 -10.52 -9.14 -1.75
C LEU A 178 -9.11 -9.22 -2.30
N PHE A 179 -8.82 -8.41 -3.30
CA PHE A 179 -7.51 -8.38 -3.95
C PHE A 179 -6.74 -7.17 -3.46
N VAL A 180 -5.51 -7.41 -2.99
CA VAL A 180 -4.69 -6.34 -2.43
C VAL A 180 -3.25 -6.32 -2.98
N CYS A 181 -2.75 -5.13 -3.30
CA CYS A 181 -1.40 -4.95 -3.83
C CYS A 181 -0.39 -5.32 -2.73
N LEU A 182 0.74 -5.92 -3.12
CA LEU A 182 1.73 -6.34 -2.12
C LEU A 182 3.18 -5.96 -2.35
N GLY A 183 3.72 -5.18 -1.41
CA GLY A 183 5.11 -4.77 -1.43
C GLY A 183 5.68 -5.39 -0.16
N GLY A 184 5.80 -4.58 0.88
CA GLY A 184 6.31 -5.06 2.16
C GLY A 184 5.27 -5.79 2.99
N GLY A 185 3.99 -5.63 2.64
CA GLY A 185 2.93 -6.32 3.37
C GLY A 185 2.07 -5.51 4.32
N GLY A 186 2.31 -4.20 4.42
CA GLY A 186 1.52 -3.37 5.32
C GLY A 186 0.06 -3.30 4.90
N LEU A 187 -0.17 -2.98 3.64
CA LEU A 187 -1.54 -2.88 3.14
C LEU A 187 -2.24 -4.23 3.22
N LEU A 188 -1.54 -5.29 2.81
CA LEU A 188 -2.13 -6.62 2.82
C LEU A 188 -2.42 -7.13 4.23
N SER A 189 -1.46 -6.98 5.15
CA SER A 189 -1.69 -7.46 6.51
C SER A 189 -2.81 -6.67 7.18
N GLY A 190 -2.82 -5.36 7.01
CA GLY A 190 -3.88 -4.55 7.60
C GLY A 190 -5.23 -4.92 7.02
N SER A 191 -5.25 -5.13 5.70
CA SER A 191 -6.48 -5.49 5.00
C SER A 191 -6.99 -6.85 5.47
N ALA A 192 -6.07 -7.78 5.66
CA ALA A 192 -6.43 -9.13 6.12
C ALA A 192 -7.09 -9.10 7.49
N LEU A 193 -6.61 -8.24 8.39
CA LEU A 193 -7.18 -8.13 9.72
C LEU A 193 -8.64 -7.66 9.61
N ALA A 194 -8.87 -6.68 8.74
CA ALA A 194 -10.22 -6.16 8.54
C ALA A 194 -11.09 -7.21 7.86
N ALA A 195 -10.51 -7.89 6.88
CA ALA A 195 -11.23 -8.91 6.12
C ALA A 195 -11.69 -10.07 7.01
N ARG A 196 -10.83 -10.55 7.90
CA ARG A 196 -11.21 -11.66 8.75
C ARG A 196 -12.27 -11.29 9.77
N HIS A 197 -12.43 -9.99 10.02
CA HIS A 197 -13.43 -9.50 10.95
C HIS A 197 -14.79 -9.49 10.27
N PHE A 198 -14.84 -8.90 9.08
CA PHE A 198 -16.10 -8.80 8.32
C PHE A 198 -16.48 -10.02 7.49
N ALA A 199 -15.48 -10.75 7.01
CA ALA A 199 -15.71 -11.93 6.17
C ALA A 199 -14.68 -13.00 6.53
N PRO A 200 -14.78 -13.54 7.75
CA PRO A 200 -13.86 -14.56 8.24
C PRO A 200 -13.64 -15.80 7.37
N ASN A 201 -14.64 -16.19 6.59
CA ASN A 201 -14.51 -17.38 5.76
C ASN A 201 -14.39 -17.12 4.27
N CYS A 202 -14.14 -15.87 3.89
CA CYS A 202 -14.00 -15.54 2.50
C CYS A 202 -12.54 -15.55 2.05
N GLU A 203 -12.24 -14.93 0.91
CA GLU A 203 -10.88 -14.96 0.39
C GLU A 203 -10.13 -13.64 0.38
N VAL A 204 -8.85 -13.70 0.71
CA VAL A 204 -7.98 -12.52 0.69
C VAL A 204 -6.77 -12.88 -0.15
N TYR A 205 -6.52 -12.10 -1.19
CA TYR A 205 -5.40 -12.36 -2.08
C TYR A 205 -4.44 -11.19 -2.17
N GLY A 206 -3.14 -11.49 -2.07
CA GLY A 206 -2.12 -10.47 -2.21
C GLY A 206 -1.61 -10.60 -3.64
N VAL A 207 -1.09 -9.52 -4.21
CA VAL A 207 -0.58 -9.55 -5.59
C VAL A 207 0.72 -8.80 -5.72
N GLU A 208 1.74 -9.46 -6.27
CA GLU A 208 3.05 -8.83 -6.47
C GLU A 208 3.43 -8.83 -7.94
N PRO A 209 4.37 -7.95 -8.33
CA PRO A 209 4.78 -7.97 -9.73
C PRO A 209 5.56 -9.28 -9.83
N GLU A 210 5.50 -9.95 -10.97
CA GLU A 210 6.20 -11.23 -11.12
C GLU A 210 7.68 -11.22 -10.79
N ALA A 211 8.37 -10.17 -11.20
CA ALA A 211 9.81 -10.05 -10.94
C ALA A 211 10.12 -9.93 -9.45
N GLY A 212 9.13 -9.46 -8.69
CA GLY A 212 9.34 -9.32 -7.25
C GLY A 212 8.42 -10.22 -6.46
N ASN A 213 8.41 -11.51 -6.76
CA ASN A 213 7.51 -12.42 -6.05
C ASN A 213 8.09 -13.02 -4.76
N ASP A 214 8.89 -12.25 -4.04
CA ASP A 214 9.47 -12.71 -2.79
C ASP A 214 8.37 -13.07 -1.79
N GLY A 215 7.31 -12.25 -1.75
CA GLY A 215 6.21 -12.50 -0.84
C GLY A 215 5.52 -13.82 -1.14
N GLN A 216 5.35 -14.10 -2.43
CA GLN A 216 4.71 -15.34 -2.85
C GLN A 216 5.57 -16.53 -2.41
N GLN A 217 6.88 -16.40 -2.62
CA GLN A 217 7.81 -17.46 -2.24
C GLN A 217 7.78 -17.67 -0.73
N SER A 218 7.76 -16.57 0.03
CA SER A 218 7.72 -16.66 1.49
C SER A 218 6.45 -17.38 1.94
N PHE A 219 5.33 -17.00 1.34
CA PHE A 219 4.04 -17.60 1.66
C PHE A 219 4.05 -19.12 1.44
N ARG A 220 4.68 -19.56 0.36
CA ARG A 220 4.75 -20.99 0.04
C ARG A 220 5.70 -21.74 0.95
N LYS A 221 6.84 -21.11 1.21
CA LYS A 221 7.91 -21.69 2.02
C LYS A 221 7.64 -21.71 3.52
N GLY A 222 7.03 -20.64 4.04
CA GLY A 222 6.75 -20.58 5.46
C GLY A 222 7.74 -19.71 6.19
N SER A 223 8.70 -19.16 5.44
CA SER A 223 9.71 -18.27 6.02
C SER A 223 9.98 -17.14 5.03
N ILE A 224 10.54 -16.05 5.52
CA ILE A 224 10.82 -14.90 4.66
C ILE A 224 11.90 -15.18 3.62
N VAL A 225 11.57 -14.93 2.36
CA VAL A 225 12.49 -15.14 1.26
C VAL A 225 13.00 -13.77 0.83
N HIS A 226 14.30 -13.68 0.61
CA HIS A 226 14.90 -12.41 0.21
C HIS A 226 15.36 -12.46 -1.25
N ILE A 227 15.10 -11.39 -1.98
CA ILE A 227 15.50 -11.31 -3.37
C ILE A 227 16.23 -10.00 -3.64
N ASP A 228 16.94 -9.93 -4.76
CA ASP A 228 17.62 -8.70 -5.14
C ASP A 228 16.48 -7.77 -5.53
N THR A 229 16.70 -6.46 -5.42
CA THR A 229 15.65 -5.52 -5.80
C THR A 229 15.18 -5.86 -7.21
N PRO A 230 13.88 -6.10 -7.37
CA PRO A 230 13.34 -6.44 -8.69
C PRO A 230 13.14 -5.24 -9.61
N LYS A 231 13.34 -5.45 -10.90
CA LYS A 231 13.14 -4.42 -11.91
C LYS A 231 11.71 -4.55 -12.42
N THR A 232 10.87 -3.56 -12.11
CA THR A 232 9.48 -3.57 -12.52
C THR A 232 8.93 -2.15 -12.48
N ILE A 233 7.92 -1.86 -13.28
CA ILE A 233 7.32 -0.54 -13.28
C ILE A 233 6.48 -0.32 -12.01
N ALA A 234 6.24 -1.38 -11.24
CA ALA A 234 5.47 -1.26 -10.01
C ALA A 234 6.44 -0.74 -8.95
N ASP A 235 6.76 0.55 -9.02
CA ASP A 235 7.73 1.16 -8.12
C ASP A 235 7.42 1.15 -6.62
N GLY A 236 6.19 0.83 -6.25
CA GLY A 236 5.84 0.77 -4.84
C GLY A 236 5.84 -0.67 -4.34
N ALA A 237 6.35 -1.58 -5.17
CA ALA A 237 6.39 -2.99 -4.80
C ALA A 237 7.75 -3.65 -5.06
N GLN A 238 8.80 -2.85 -5.10
CA GLN A 238 10.14 -3.35 -5.37
C GLN A 238 10.91 -3.76 -4.13
N THR A 239 10.17 -4.13 -3.08
CA THR A 239 10.77 -4.55 -1.82
C THR A 239 11.53 -5.88 -1.97
N GLN A 240 12.61 -6.03 -1.21
CA GLN A 240 13.42 -7.25 -1.27
C GLN A 240 12.84 -8.39 -0.45
N HIS A 241 12.03 -8.04 0.55
CA HIS A 241 11.40 -9.05 1.39
C HIS A 241 10.28 -8.46 2.24
N LEU A 242 9.43 -9.33 2.76
CA LEU A 242 8.31 -8.91 3.59
C LEU A 242 8.76 -8.50 4.98
N GLY A 243 7.95 -7.69 5.64
CA GLY A 243 8.27 -7.28 6.99
C GLY A 243 8.00 -8.44 7.92
N ASN A 244 8.50 -8.37 9.14
CA ASN A 244 8.29 -9.45 10.09
C ASN A 244 6.87 -9.44 10.67
N TYR A 245 6.37 -8.26 11.01
CA TYR A 245 5.01 -8.17 11.53
C TYR A 245 4.02 -8.55 10.44
N THR A 246 4.23 -8.00 9.25
CA THR A 246 3.32 -8.26 8.14
C THR A 246 3.28 -9.72 7.71
N PHE A 247 4.44 -10.36 7.58
CA PHE A 247 4.46 -11.76 7.19
C PHE A 247 3.77 -12.62 8.25
N SER A 248 3.96 -12.29 9.52
CA SER A 248 3.34 -13.06 10.60
C SER A 248 1.83 -13.12 10.43
N ILE A 249 1.25 -12.01 9.98
CA ILE A 249 -0.19 -11.91 9.77
C ILE A 249 -0.59 -12.53 8.43
N ILE A 250 0.16 -12.20 7.39
CA ILE A 250 -0.11 -12.71 6.05
C ILE A 250 -0.11 -14.23 6.01
N LYS A 251 0.86 -14.84 6.69
CA LYS A 251 0.96 -16.28 6.73
C LYS A 251 -0.31 -16.94 7.29
N GLU A 252 -0.96 -16.24 8.23
CA GLU A 252 -2.16 -16.75 8.87
C GLU A 252 -3.49 -16.32 8.26
N LYS A 253 -3.57 -15.08 7.81
CA LYS A 253 -4.84 -14.56 7.29
C LYS A 253 -5.01 -14.29 5.80
N VAL A 254 -4.05 -14.70 4.99
CA VAL A 254 -4.13 -14.51 3.54
C VAL A 254 -4.22 -15.88 2.88
N ASP A 255 -5.07 -16.01 1.87
CA ASP A 255 -5.28 -17.30 1.20
C ASP A 255 -4.28 -17.66 0.12
N ASP A 256 -3.81 -16.66 -0.63
CA ASP A 256 -2.86 -16.91 -1.70
C ASP A 256 -2.22 -15.60 -2.15
N ILE A 257 -1.06 -15.70 -2.77
CA ILE A 257 -0.34 -14.54 -3.31
C ILE A 257 -0.19 -14.79 -4.80
N LEU A 258 -0.65 -13.85 -5.61
CA LEU A 258 -0.58 -13.98 -7.06
C LEU A 258 0.43 -13.00 -7.64
N THR A 259 0.75 -13.17 -8.92
CA THR A 259 1.67 -12.26 -9.60
C THR A 259 1.12 -11.93 -10.97
N VAL A 260 1.53 -10.79 -11.51
CA VAL A 260 1.11 -10.34 -12.82
C VAL A 260 2.33 -9.69 -13.48
N SER A 261 2.35 -9.64 -14.81
CA SER A 261 3.47 -9.04 -15.51
C SER A 261 3.27 -7.53 -15.67
N ASP A 262 4.34 -6.84 -16.02
CA ASP A 262 4.27 -5.39 -16.23
C ASP A 262 3.33 -5.11 -17.39
N GLU A 263 3.31 -6.04 -18.36
CA GLU A 263 2.45 -5.91 -19.53
C GLU A 263 1.00 -5.90 -19.07
N GLU A 264 0.67 -6.77 -18.11
CA GLU A 264 -0.67 -6.84 -17.57
C GLU A 264 -1.00 -5.57 -16.76
N LEU A 265 0.00 -5.01 -16.09
CA LEU A 265 -0.23 -3.80 -15.30
C LEU A 265 -0.59 -2.66 -16.25
N ILE A 266 0.14 -2.57 -17.36
CA ILE A 266 -0.11 -1.51 -18.34
C ILE A 266 -1.50 -1.62 -18.95
N ASP A 267 -1.93 -2.85 -19.24
CA ASP A 267 -3.26 -3.04 -19.81
C ASP A 267 -4.32 -2.61 -18.79
N CYS A 268 -4.06 -2.88 -17.52
CA CYS A 268 -4.97 -2.52 -16.44
C CYS A 268 -5.03 -1.00 -16.25
N LEU A 269 -3.87 -0.38 -16.36
CA LEU A 269 -3.78 1.07 -16.21
C LEU A 269 -4.61 1.74 -17.32
N LYS A 270 -4.50 1.20 -18.53
CA LYS A 270 -5.25 1.75 -19.65
C LYS A 270 -6.75 1.52 -19.44
N PHE A 271 -7.12 0.36 -18.91
CA PHE A 271 -8.52 0.06 -18.66
C PHE A 271 -9.09 1.06 -17.65
N TYR A 272 -8.36 1.26 -16.56
CA TYR A 272 -8.82 2.20 -15.55
C TYR A 272 -9.08 3.57 -16.15
N ALA A 273 -8.16 4.02 -17.01
CA ALA A 273 -8.29 5.33 -17.64
C ALA A 273 -9.44 5.40 -18.63
N ALA A 274 -9.49 4.44 -19.55
CA ALA A 274 -10.52 4.41 -20.59
C ALA A 274 -11.92 4.05 -20.13
N ARG A 275 -12.04 3.04 -19.28
CA ARG A 275 -13.37 2.61 -18.85
C ARG A 275 -13.87 3.14 -17.51
N MET A 276 -12.96 3.43 -16.58
CA MET A 276 -13.39 3.93 -15.28
C MET A 276 -13.08 5.39 -15.02
N LYS A 277 -12.33 6.00 -15.95
CA LYS A 277 -11.99 7.42 -15.87
C LYS A 277 -11.14 7.81 -14.66
N ILE A 278 -10.29 6.90 -14.20
CA ILE A 278 -9.44 7.19 -13.05
C ILE A 278 -7.98 6.92 -13.35
N VAL A 279 -7.12 7.70 -12.70
CA VAL A 279 -5.67 7.58 -12.85
C VAL A 279 -5.15 6.67 -11.72
N VAL A 280 -4.44 5.63 -12.11
CA VAL A 280 -3.90 4.68 -11.16
C VAL A 280 -2.43 4.40 -11.51
N GLU A 281 -1.56 4.43 -10.51
CA GLU A 281 -0.16 4.16 -10.77
C GLU A 281 0.01 2.65 -10.97
N PRO A 282 1.08 2.24 -11.68
CA PRO A 282 1.32 0.82 -11.94
C PRO A 282 1.13 -0.10 -10.73
N THR A 283 1.70 0.28 -9.59
CA THR A 283 1.58 -0.57 -8.40
C THR A 283 0.13 -0.73 -7.96
N GLY A 284 -0.68 0.30 -8.18
CA GLY A 284 -2.08 0.24 -7.78
C GLY A 284 -2.93 -0.59 -8.72
N CYS A 285 -2.30 -1.12 -9.77
CA CYS A 285 -2.97 -1.95 -10.77
C CYS A 285 -2.79 -3.45 -10.53
N LEU A 286 -1.97 -3.79 -9.54
CA LEU A 286 -1.73 -5.21 -9.26
C LEU A 286 -3.00 -5.99 -8.94
N SER A 287 -3.77 -5.49 -7.99
CA SER A 287 -5.00 -6.17 -7.56
C SER A 287 -5.98 -6.48 -8.69
N PHE A 288 -6.32 -5.48 -9.50
CA PHE A 288 -7.27 -5.72 -10.58
C PHE A 288 -6.70 -6.64 -11.67
N ALA A 289 -5.42 -6.48 -11.97
CA ALA A 289 -4.77 -7.29 -12.98
C ALA A 289 -4.88 -8.77 -12.61
N ALA A 290 -4.67 -9.08 -11.33
CA ALA A 290 -4.75 -10.45 -10.85
C ALA A 290 -6.19 -10.95 -10.89
N ALA A 291 -7.13 -10.09 -10.53
CA ALA A 291 -8.54 -10.47 -10.54
C ALA A 291 -8.96 -10.86 -11.95
N ARG A 292 -8.54 -10.06 -12.93
CA ARG A 292 -8.87 -10.33 -14.32
C ARG A 292 -8.32 -11.70 -14.75
N ALA A 293 -7.09 -11.99 -14.33
CA ALA A 293 -6.44 -13.25 -14.66
C ALA A 293 -7.18 -14.47 -14.12
N MET A 294 -7.85 -14.31 -12.97
CA MET A 294 -8.58 -15.44 -12.40
C MET A 294 -10.09 -15.19 -12.36
N LYS A 295 -10.58 -14.49 -13.38
CA LYS A 295 -12.00 -14.18 -13.45
C LYS A 295 -12.91 -15.42 -13.40
N GLU A 296 -12.45 -16.53 -13.96
CA GLU A 296 -13.26 -17.75 -13.95
C GLU A 296 -13.66 -18.19 -12.55
N LYS A 297 -12.78 -17.94 -11.58
CA LYS A 297 -13.04 -18.34 -10.20
C LYS A 297 -13.96 -17.34 -9.52
N LEU A 298 -14.17 -16.19 -10.15
CA LEU A 298 -14.98 -15.13 -9.57
C LEU A 298 -16.42 -15.04 -10.06
N LYS A 299 -16.82 -15.95 -10.95
CA LYS A 299 -18.19 -15.92 -11.46
C LYS A 299 -19.23 -15.99 -10.35
N ASN A 300 -20.27 -15.17 -10.49
CA ASN A 300 -21.37 -15.12 -9.53
C ASN A 300 -20.98 -14.82 -8.08
N LYS A 301 -19.92 -14.05 -7.90
CA LYS A 301 -19.46 -13.68 -6.56
C LYS A 301 -19.35 -12.17 -6.44
N ARG A 302 -19.05 -11.69 -5.24
CA ARG A 302 -18.87 -10.27 -5.00
C ARG A 302 -17.39 -10.07 -4.71
N ILE A 303 -16.75 -9.17 -5.45
CA ILE A 303 -15.33 -8.96 -5.31
C ILE A 303 -14.92 -7.55 -4.91
N GLY A 304 -13.88 -7.48 -4.08
CA GLY A 304 -13.37 -6.19 -3.64
C GLY A 304 -11.98 -5.97 -4.21
N ILE A 305 -11.75 -4.80 -4.77
CA ILE A 305 -10.45 -4.44 -5.34
C ILE A 305 -9.95 -3.15 -4.71
N ILE A 306 -8.74 -3.20 -4.18
CA ILE A 306 -8.15 -2.00 -3.57
C ILE A 306 -7.33 -1.26 -4.62
N ILE A 307 -7.70 -0.02 -4.92
CA ILE A 307 -6.90 0.77 -5.86
C ILE A 307 -6.01 1.55 -4.88
N SER A 308 -4.79 1.04 -4.69
CA SER A 308 -3.85 1.60 -3.72
C SER A 308 -3.35 3.03 -3.89
N GLY A 309 -3.17 3.48 -5.12
CA GLY A 309 -2.68 4.84 -5.32
C GLY A 309 -2.69 5.29 -6.75
N GLY A 310 -2.45 6.59 -6.95
CA GLY A 310 -2.45 7.13 -8.30
C GLY A 310 -1.31 8.10 -8.55
N ASN A 311 -0.24 8.00 -7.76
CA ASN A 311 0.88 8.91 -7.92
C ASN A 311 1.89 8.46 -8.97
N VAL A 312 1.87 9.15 -10.11
CA VAL A 312 2.76 8.85 -11.22
C VAL A 312 3.23 10.14 -11.88
N ASP A 313 4.35 10.08 -12.57
CA ASP A 313 4.82 11.26 -13.30
C ASP A 313 3.93 11.27 -14.54
N ILE A 314 3.24 12.38 -14.77
CA ILE A 314 2.36 12.50 -15.92
C ILE A 314 2.99 12.07 -17.24
N GLU A 315 4.24 12.44 -17.46
CA GLU A 315 4.94 12.07 -18.69
C GLU A 315 5.04 10.56 -18.83
N ARG A 316 5.36 9.89 -17.72
CA ARG A 316 5.49 8.44 -17.72
C ARG A 316 4.13 7.77 -17.91
N TYR A 317 3.11 8.35 -17.28
CA TYR A 317 1.74 7.83 -17.37
C TYR A 317 1.27 7.92 -18.83
N ALA A 318 1.51 9.07 -19.45
CA ALA A 318 1.13 9.28 -20.85
C ALA A 318 1.84 8.22 -21.70
N HIS A 319 3.08 7.91 -21.34
CA HIS A 319 3.85 6.90 -22.06
C HIS A 319 3.17 5.54 -21.94
N PHE A 320 2.75 5.17 -20.73
CA PHE A 320 2.08 3.89 -20.51
C PHE A 320 0.77 3.81 -21.29
N LEU A 321 0.00 4.90 -21.29
CA LEU A 321 -1.27 4.93 -22.01
C LEU A 321 -1.07 4.78 -23.51
N SER A 322 0.12 5.08 -23.99
CA SER A 322 0.43 4.99 -25.41
C SER A 322 0.90 3.61 -25.88
N GLN A 323 1.01 2.67 -24.96
CA GLN A 323 1.45 1.33 -25.32
C GLN A 323 0.31 0.54 -25.94
#